data_3VNP
#
_entry.id   3VNP
#
_cell.length_a   137.978
_cell.length_b   58.704
_cell.length_c   94.393
_cell.angle_alpha   90.000
_cell.angle_beta   90.000
_cell.angle_gamma   90.000
#
_symmetry.space_group_name_H-M   'P 21 21 2'
#
loop_
_entity.id
_entity.type
_entity.pdbx_description
1 polymer 'Hypothetical conserved protein'
2 non-polymer 'ACETIC ACID'
3 non-polymer 'MAGNESIUM ION'
4 water water
#
_entity_poly.entity_id   1
_entity_poly.type   'polypeptide(L)'
_entity_poly.pdbx_seq_one_letter_code
;GMIYPYKGKTPQIAASAFIADYVTITGDVVIGEETSIWFNTVIRGDVAPTVIGNRVNIQDNSILHQSPNNPLIIEDGVTV
GHQVILHSAIVRKNALIGMGSIILDRAEIGEGAFIGAGSLVPPGKKIPPNTLALGRPAKVVRELTEDDIREMERIRREYV
EKGQYYKALQQQRTSCADKKELP
;
_entity_poly.pdbx_strand_id   A,B,C
#
loop_
_chem_comp.id
_chem_comp.type
_chem_comp.name
_chem_comp.formula
ACY non-polymer 'ACETIC ACID' 'C2 H4 O2'
MG non-polymer 'MAGNESIUM ION' 'Mg 2'
#
# COMPACT_ATOMS: atom_id res chain seq x y z
N GLY A 1 -0.33 -7.76 -15.92
CA GLY A 1 -0.28 -6.58 -16.81
C GLY A 1 -1.61 -6.25 -17.49
N MET A 2 -2.19 -5.11 -17.12
CA MET A 2 -3.49 -4.73 -17.65
C MET A 2 -3.48 -3.32 -18.24
N ILE A 3 -3.81 -3.16 -19.52
CA ILE A 3 -3.85 -1.83 -20.14
C ILE A 3 -5.25 -1.43 -20.62
N TYR A 4 -5.73 -0.27 -20.18
CA TYR A 4 -7.06 0.23 -20.57
C TYR A 4 -7.04 1.63 -21.17
N PRO A 5 -7.86 1.86 -22.20
CA PRO A 5 -7.89 3.20 -22.80
C PRO A 5 -8.94 3.97 -22.03
N TYR A 6 -8.83 5.29 -22.00
CA TYR A 6 -9.84 6.06 -21.30
C TYR A 6 -10.25 7.25 -22.14
N LYS A 7 -11.52 7.28 -22.52
CA LYS A 7 -12.07 8.37 -23.33
C LYS A 7 -11.19 8.81 -24.48
N GLY A 8 -10.79 7.93 -25.37
CA GLY A 8 -9.97 8.33 -26.50
C GLY A 8 -8.46 8.37 -26.32
N LYS A 9 -8.00 8.27 -25.09
CA LYS A 9 -6.58 8.29 -24.78
C LYS A 9 -6.14 6.87 -24.46
N THR A 10 -4.97 6.47 -24.96
CA THR A 10 -4.49 5.13 -24.70
C THR A 10 -3.03 5.20 -24.31
N PRO A 11 -2.62 4.40 -23.32
CA PRO A 11 -1.22 4.41 -22.88
C PRO A 11 -0.21 4.21 -24.01
N GLN A 12 0.84 5.01 -24.00
CA GLN A 12 1.90 4.88 -24.98
C GLN A 12 3.17 4.48 -24.24
N ILE A 13 3.51 3.20 -24.32
CA ILE A 13 4.67 2.64 -23.63
C ILE A 13 5.86 2.39 -24.55
N ALA A 14 7.05 2.85 -24.17
CA ALA A 14 8.24 2.64 -24.97
C ALA A 14 8.48 1.12 -25.08
N ALA A 15 9.20 0.70 -26.10
CA ALA A 15 9.46 -0.74 -26.28
C ALA A 15 10.41 -1.37 -25.26
N SER A 16 11.40 -0.59 -24.81
CA SER A 16 12.37 -1.10 -23.84
C SER A 16 11.86 -1.02 -22.39
N ALA A 17 10.63 -0.53 -22.22
CA ALA A 17 10.05 -0.42 -20.89
C ALA A 17 9.62 -1.76 -20.30
N PHE A 18 9.79 -1.89 -18.99
CA PHE A 18 9.40 -3.09 -18.26
C PHE A 18 8.14 -2.84 -17.44
N ILE A 19 7.07 -3.54 -17.78
CA ILE A 19 5.81 -3.43 -17.06
C ILE A 19 5.57 -4.76 -16.35
N ALA A 20 5.83 -4.79 -15.04
CA ALA A 20 5.69 -5.99 -14.25
C ALA A 20 4.27 -6.53 -14.21
N ASP A 21 4.14 -7.73 -13.65
CA ASP A 21 2.85 -8.38 -13.52
C ASP A 21 1.96 -7.67 -12.52
N TYR A 22 0.66 -7.75 -12.73
CA TYR A 22 -0.33 -7.13 -11.85
C TYR A 22 -0.29 -5.62 -11.86
N VAL A 23 0.32 -5.05 -12.89
CA VAL A 23 0.39 -3.61 -13.02
C VAL A 23 -0.82 -3.20 -13.84
N THR A 24 -1.34 -2.00 -13.58
CA THR A 24 -2.48 -1.50 -14.33
C THR A 24 -2.16 -0.10 -14.82
N ILE A 25 -2.35 0.11 -16.13
CA ILE A 25 -2.07 1.40 -16.74
C ILE A 25 -3.23 1.78 -17.64
N THR A 26 -3.89 2.90 -17.34
CA THR A 26 -5.04 3.34 -18.11
C THR A 26 -4.92 4.77 -18.64
N GLY A 27 -5.67 5.02 -19.70
CA GLY A 27 -5.75 6.34 -20.31
C GLY A 27 -4.53 7.11 -20.76
N ASP A 28 -4.60 8.41 -20.52
CA ASP A 28 -3.56 9.35 -20.91
C ASP A 28 -2.23 9.21 -20.18
N VAL A 29 -1.49 8.15 -20.49
CA VAL A 29 -0.19 7.92 -19.85
C VAL A 29 0.92 7.71 -20.88
N VAL A 30 2.09 8.27 -20.62
CA VAL A 30 3.21 8.12 -21.52
C VAL A 30 4.41 7.65 -20.70
N ILE A 31 4.97 6.51 -21.08
CA ILE A 31 6.13 5.95 -20.36
C ILE A 31 7.36 5.87 -21.26
N GLY A 32 8.47 6.41 -20.77
CA GLY A 32 9.72 6.44 -21.51
C GLY A 32 10.52 5.17 -21.61
N GLU A 33 11.65 5.28 -22.29
CA GLU A 33 12.57 4.16 -22.55
C GLU A 33 13.32 3.74 -21.28
N GLU A 34 13.53 2.44 -21.15
CA GLU A 34 14.25 1.87 -20.03
C GLU A 34 13.65 2.07 -18.63
N THR A 35 12.44 2.63 -18.54
CA THR A 35 11.85 2.81 -17.22
C THR A 35 11.15 1.51 -16.81
N SER A 36 11.12 1.26 -15.51
CA SER A 36 10.48 0.04 -15.00
C SER A 36 9.37 0.35 -14.02
N ILE A 37 8.21 -0.24 -14.27
CA ILE A 37 7.03 -0.06 -13.42
C ILE A 37 6.91 -1.41 -12.70
N TRP A 38 7.14 -1.43 -11.40
CA TRP A 38 7.12 -2.69 -10.66
C TRP A 38 5.78 -3.22 -10.18
N PHE A 39 5.83 -4.48 -9.75
CA PHE A 39 4.67 -5.23 -9.28
C PHE A 39 3.55 -4.49 -8.55
N ASN A 40 2.32 -4.76 -8.98
CA ASN A 40 1.11 -4.20 -8.39
C ASN A 40 0.91 -2.70 -8.46
N THR A 41 1.81 -1.99 -9.13
CA THR A 41 1.65 -0.54 -9.24
C THR A 41 0.44 -0.21 -10.10
N VAL A 42 -0.25 0.87 -9.73
CA VAL A 42 -1.44 1.32 -10.48
C VAL A 42 -1.23 2.73 -11.00
N ILE A 43 -1.40 2.91 -12.31
CA ILE A 43 -1.24 4.21 -12.94
C ILE A 43 -2.50 4.54 -13.75
N ARG A 44 -3.45 5.22 -13.11
CA ARG A 44 -4.70 5.58 -13.77
C ARG A 44 -4.66 7.00 -14.35
N GLY A 45 -4.63 7.10 -15.68
CA GLY A 45 -4.59 8.40 -16.32
C GLY A 45 -5.97 8.80 -16.80
N ASP A 46 -6.90 8.95 -15.88
CA ASP A 46 -8.25 9.28 -16.29
C ASP A 46 -8.75 10.62 -15.78
N VAL A 47 -7.87 11.40 -15.17
CA VAL A 47 -8.23 12.74 -14.67
C VAL A 47 -7.42 13.82 -15.40
N ALA A 48 -6.10 13.62 -15.50
CA ALA A 48 -5.24 14.57 -16.20
C ALA A 48 -4.04 13.83 -16.78
N PRO A 49 -3.29 14.50 -17.66
CA PRO A 49 -2.11 13.91 -18.31
C PRO A 49 -1.06 13.37 -17.34
N THR A 50 -0.47 12.22 -17.69
CA THR A 50 0.57 11.64 -16.87
C THR A 50 1.74 11.36 -17.79
N VAL A 51 2.90 11.94 -17.48
CA VAL A 51 4.09 11.74 -18.29
C VAL A 51 5.23 11.20 -17.43
N ILE A 52 5.82 10.10 -17.87
CA ILE A 52 6.93 9.47 -17.15
C ILE A 52 8.15 9.39 -18.05
N GLY A 53 9.22 10.04 -17.64
CA GLY A 53 10.45 10.09 -18.42
C GLY A 53 11.09 8.76 -18.72
N ASN A 54 12.37 8.82 -19.07
CA ASN A 54 13.18 7.65 -19.41
C ASN A 54 14.04 7.23 -18.21
N ARG A 55 14.40 5.95 -18.17
CA ARG A 55 15.23 5.39 -17.11
C ARG A 55 14.68 5.64 -15.71
N VAL A 56 13.36 5.74 -15.61
CA VAL A 56 12.69 5.95 -14.33
C VAL A 56 12.25 4.61 -13.72
N ASN A 57 12.22 4.53 -12.40
CA ASN A 57 11.74 3.31 -11.76
C ASN A 57 10.66 3.66 -10.74
N ILE A 58 9.50 3.05 -10.91
CA ILE A 58 8.38 3.25 -10.01
C ILE A 58 8.17 1.90 -9.32
N GLN A 59 8.69 1.79 -8.11
CA GLN A 59 8.64 0.55 -7.35
C GLN A 59 7.28 0.03 -6.91
N ASP A 60 7.31 -1.24 -6.51
CA ASP A 60 6.16 -2.04 -6.06
C ASP A 60 5.04 -1.39 -5.28
N ASN A 61 3.81 -1.70 -5.68
CA ASN A 61 2.62 -1.20 -5.01
C ASN A 61 2.41 0.31 -4.96
N SER A 62 2.87 1.04 -5.97
CA SER A 62 2.66 2.48 -5.95
C SER A 62 1.36 2.86 -6.63
N ILE A 63 0.88 4.07 -6.33
CA ILE A 63 -0.34 4.55 -6.93
C ILE A 63 -0.08 5.91 -7.57
N LEU A 64 -0.32 6.00 -8.88
CA LEU A 64 -0.14 7.24 -9.60
C LEU A 64 -1.50 7.69 -10.13
N HIS A 65 -1.92 8.89 -9.74
CA HIS A 65 -3.19 9.45 -10.19
C HIS A 65 -3.10 10.97 -10.28
N GLN A 66 -4.21 11.61 -10.63
CA GLN A 66 -4.21 13.06 -10.77
C GLN A 66 -5.51 13.70 -10.30
N SER A 67 -5.43 14.99 -10.02
CA SER A 67 -6.58 15.81 -9.64
C SER A 67 -6.81 16.63 -10.94
N PRO A 68 -8.02 17.14 -11.15
CA PRO A 68 -8.31 17.92 -12.35
C PRO A 68 -7.31 19.03 -12.71
N ASN A 69 -7.00 19.13 -14.00
CA ASN A 69 -6.09 20.15 -14.52
C ASN A 69 -4.66 20.14 -14.00
N ASN A 70 -4.30 19.10 -13.25
CA ASN A 70 -2.95 19.01 -12.71
C ASN A 70 -2.23 17.78 -13.22
N PRO A 71 -1.45 17.92 -14.28
CA PRO A 71 -0.74 16.76 -14.81
C PRO A 71 0.24 16.16 -13.82
N LEU A 72 0.53 14.87 -14.02
CA LEU A 72 1.48 14.15 -13.19
C LEU A 72 2.74 13.99 -14.04
N ILE A 73 3.79 14.72 -13.69
CA ILE A 73 5.05 14.65 -14.45
C ILE A 73 6.19 14.04 -13.65
N ILE A 74 6.81 13.01 -14.21
CA ILE A 74 7.93 12.35 -13.57
C ILE A 74 9.08 12.33 -14.58
N GLU A 75 10.02 13.25 -14.45
CA GLU A 75 11.14 13.35 -15.38
C GLU A 75 12.12 12.20 -15.36
N ASP A 76 13.09 12.23 -16.28
CA ASP A 76 14.09 11.18 -16.41
C ASP A 76 14.89 10.86 -15.15
N GLY A 77 15.29 9.61 -15.05
CA GLY A 77 16.10 9.14 -13.93
C GLY A 77 15.52 9.14 -12.52
N VAL A 78 14.22 9.44 -12.40
CA VAL A 78 13.58 9.46 -11.09
C VAL A 78 13.42 8.07 -10.47
N THR A 79 13.61 8.01 -9.15
CA THR A 79 13.46 6.77 -8.41
C THR A 79 12.27 6.93 -7.48
N VAL A 80 11.25 6.10 -7.65
CA VAL A 80 10.08 6.14 -6.80
C VAL A 80 10.07 4.86 -5.96
N GLY A 81 10.28 5.03 -4.66
CA GLY A 81 10.33 3.89 -3.76
C GLY A 81 9.04 3.10 -3.64
N HIS A 82 9.15 1.96 -2.97
CA HIS A 82 8.02 1.06 -2.76
C HIS A 82 6.79 1.74 -2.20
N GLN A 83 5.63 1.28 -2.64
CA GLN A 83 4.36 1.76 -2.13
C GLN A 83 4.30 3.27 -1.92
N VAL A 84 4.48 4.02 -3.01
CA VAL A 84 4.40 5.46 -2.93
C VAL A 84 3.13 5.95 -3.63
N ILE A 85 2.57 7.04 -3.12
CA ILE A 85 1.40 7.64 -3.72
C ILE A 85 1.86 8.95 -4.37
N LEU A 86 1.59 9.11 -5.65
CA LEU A 86 1.97 10.33 -6.35
C LEU A 86 0.67 10.86 -6.92
N HIS A 87 0.26 12.03 -6.45
CA HIS A 87 -0.99 12.61 -6.91
C HIS A 87 -0.76 13.98 -7.54
N SER A 88 -0.87 14.05 -8.87
CA SER A 88 -0.68 15.30 -9.60
C SER A 88 0.60 15.98 -9.12
N ALA A 89 1.64 15.18 -8.92
CA ALA A 89 2.91 15.70 -8.46
C ALA A 89 3.83 15.95 -9.64
N ILE A 90 4.83 16.80 -9.42
CA ILE A 90 5.81 17.12 -10.44
C ILE A 90 7.17 16.78 -9.85
N VAL A 91 7.74 15.67 -10.29
CA VAL A 91 9.03 15.20 -9.80
C VAL A 91 10.11 15.49 -10.84
N ARG A 92 11.06 16.35 -10.50
CA ARG A 92 12.12 16.72 -11.43
C ARG A 92 13.19 15.63 -11.59
N LYS A 93 13.99 15.78 -12.64
CA LYS A 93 15.05 14.83 -12.96
C LYS A 93 15.94 14.41 -11.81
N ASN A 94 16.20 13.11 -11.77
CA ASN A 94 17.06 12.48 -10.78
C ASN A 94 16.65 12.57 -9.32
N ALA A 95 15.44 13.03 -9.04
CA ALA A 95 15.00 13.11 -7.65
C ALA A 95 14.71 11.70 -7.17
N LEU A 96 14.70 11.50 -5.86
CA LEU A 96 14.42 10.19 -5.31
C LEU A 96 13.30 10.29 -4.27
N ILE A 97 12.25 9.48 -4.44
CA ILE A 97 11.14 9.48 -3.50
C ILE A 97 11.18 8.25 -2.59
N GLY A 98 11.45 8.47 -1.31
CA GLY A 98 11.54 7.38 -0.37
C GLY A 98 10.27 6.55 -0.25
N MET A 99 10.44 5.24 -0.11
CA MET A 99 9.33 4.31 0.00
C MET A 99 8.32 4.76 1.07
N GLY A 100 7.03 4.50 0.81
CA GLY A 100 5.99 4.88 1.76
C GLY A 100 5.63 6.34 1.85
N SER A 101 6.17 7.16 0.96
CA SER A 101 5.87 8.59 0.97
C SER A 101 4.60 8.91 0.21
N ILE A 102 4.13 10.14 0.38
CA ILE A 102 2.93 10.61 -0.29
C ILE A 102 3.22 12.01 -0.80
N ILE A 103 3.21 12.19 -2.12
CA ILE A 103 3.47 13.49 -2.70
C ILE A 103 2.15 14.00 -3.25
N LEU A 104 1.65 15.08 -2.67
CA LEU A 104 0.36 15.60 -3.10
C LEU A 104 0.37 16.65 -4.22
N ASP A 105 -0.84 17.00 -4.65
CA ASP A 105 -1.11 17.91 -5.74
C ASP A 105 -0.33 19.22 -5.92
N ARG A 106 0.25 19.33 -7.12
CA ARG A 106 1.04 20.49 -7.52
C ARG A 106 2.34 20.62 -6.72
N ALA A 107 2.58 19.67 -5.84
CA ALA A 107 3.81 19.70 -5.06
C ALA A 107 4.93 19.46 -6.07
N GLU A 108 5.92 20.34 -6.09
CA GLU A 108 7.03 20.17 -7.02
C GLU A 108 8.30 19.76 -6.28
N ILE A 109 8.87 18.63 -6.70
CA ILE A 109 10.07 18.12 -6.09
C ILE A 109 11.27 18.37 -6.98
N GLY A 110 12.08 19.34 -6.53
CA GLY A 110 13.26 19.75 -7.25
C GLY A 110 14.23 18.68 -7.71
N GLU A 111 14.90 18.99 -8.81
CA GLU A 111 15.89 18.13 -9.42
C GLU A 111 16.90 17.61 -8.39
N GLY A 112 17.17 16.30 -8.43
CA GLY A 112 18.14 15.70 -7.52
C GLY A 112 17.78 15.67 -6.05
N ALA A 113 16.54 16.03 -5.71
CA ALA A 113 16.11 16.02 -4.32
C ALA A 113 15.93 14.61 -3.78
N PHE A 114 16.02 14.47 -2.45
CA PHE A 114 15.88 13.17 -1.80
C PHE A 114 14.80 13.24 -0.70
N ILE A 115 13.62 12.68 -0.98
CA ILE A 115 12.53 12.67 -0.01
C ILE A 115 12.62 11.43 0.87
N GLY A 116 12.82 11.63 2.17
CA GLY A 116 12.93 10.51 3.10
C GLY A 116 11.73 9.58 3.20
N ALA A 117 12.01 8.30 3.42
CA ALA A 117 10.95 7.30 3.53
C ALA A 117 9.84 7.74 4.49
N GLY A 118 8.60 7.34 4.19
CA GLY A 118 7.47 7.66 5.03
C GLY A 118 7.02 9.10 5.09
N SER A 119 7.55 9.94 4.20
CA SER A 119 7.21 11.34 4.20
C SER A 119 5.92 11.67 3.46
N LEU A 120 5.44 12.89 3.69
CA LEU A 120 4.23 13.40 3.05
C LEU A 120 4.51 14.85 2.64
N VAL A 121 4.55 15.10 1.34
CA VAL A 121 4.78 16.44 0.83
C VAL A 121 3.42 17.02 0.49
N PRO A 122 2.97 18.02 1.26
CA PRO A 122 1.67 18.67 1.04
C PRO A 122 1.49 19.39 -0.29
N PRO A 123 0.22 19.60 -0.69
CA PRO A 123 -0.15 20.28 -1.94
C PRO A 123 0.61 21.58 -2.17
N GLY A 124 1.11 21.75 -3.38
CA GLY A 124 1.82 22.95 -3.75
C GLY A 124 3.19 23.18 -3.15
N LYS A 125 3.66 22.30 -2.28
CA LYS A 125 4.96 22.53 -1.70
C LYS A 125 6.11 22.28 -2.65
N LYS A 126 7.03 23.23 -2.72
CA LYS A 126 8.20 23.11 -3.57
C LYS A 126 9.38 22.66 -2.74
N ILE A 127 10.06 21.61 -3.19
CA ILE A 127 11.22 21.10 -2.48
C ILE A 127 12.47 21.51 -3.25
N PRO A 128 13.38 22.26 -2.62
CA PRO A 128 14.61 22.71 -3.27
C PRO A 128 15.41 21.54 -3.84
N PRO A 129 15.96 21.72 -5.05
CA PRO A 129 16.74 20.65 -5.67
C PRO A 129 18.01 20.38 -4.88
N ASN A 130 18.53 19.16 -4.99
CA ASN A 130 19.76 18.78 -4.31
C ASN A 130 19.66 18.76 -2.77
N THR A 131 18.44 18.77 -2.24
CA THR A 131 18.24 18.75 -0.79
C THR A 131 17.59 17.46 -0.27
N LEU A 132 17.64 17.27 1.04
CA LEU A 132 17.03 16.12 1.71
C LEU A 132 15.86 16.64 2.54
N ALA A 133 14.65 16.18 2.20
CA ALA A 133 13.45 16.59 2.93
C ALA A 133 12.83 15.39 3.63
N LEU A 134 12.43 15.56 4.89
CA LEU A 134 11.84 14.48 5.68
C LEU A 134 10.59 14.92 6.44
N GLY A 135 9.86 13.94 6.96
CA GLY A 135 8.68 14.22 7.76
C GLY A 135 7.32 14.32 7.12
N ARG A 136 6.34 14.62 7.97
CA ARG A 136 4.94 14.78 7.59
C ARG A 136 4.41 16.01 8.35
N PRO A 137 4.37 17.19 7.70
CA PRO A 137 4.77 17.46 6.32
C PRO A 137 6.28 17.55 6.17
N ALA A 138 6.77 17.13 5.02
CA ALA A 138 8.21 17.14 4.76
C ALA A 138 8.83 18.52 4.87
N LYS A 139 9.99 18.57 5.52
CA LYS A 139 10.73 19.81 5.70
C LYS A 139 12.18 19.55 5.27
N VAL A 140 12.76 20.51 4.58
CA VAL A 140 14.14 20.43 4.11
C VAL A 140 15.07 20.45 5.31
N VAL A 141 15.93 19.44 5.43
CA VAL A 141 16.84 19.35 6.57
C VAL A 141 18.29 19.66 6.25
N ARG A 142 18.71 19.44 5.01
CA ARG A 142 20.09 19.70 4.60
C ARG A 142 20.28 19.49 3.11
N GLU A 143 21.51 19.61 2.65
CA GLU A 143 21.84 19.40 1.25
C GLU A 143 22.48 18.05 1.09
N LEU A 144 22.44 17.52 -0.12
CA LEU A 144 22.98 16.20 -0.37
C LEU A 144 24.49 16.22 -0.66
N THR A 145 25.22 15.40 0.07
CA THR A 145 26.67 15.31 -0.11
C THR A 145 26.91 14.61 -1.44
N GLU A 146 28.11 14.74 -1.97
CA GLU A 146 28.43 14.09 -3.23
C GLU A 146 28.23 12.59 -3.07
N ASP A 147 28.42 12.10 -1.86
CA ASP A 147 28.24 10.68 -1.62
C ASP A 147 26.77 10.29 -1.80
N ASP A 148 25.87 11.14 -1.32
CA ASP A 148 24.45 10.88 -1.47
C ASP A 148 24.12 10.78 -2.96
N ILE A 149 24.50 11.81 -3.70
CA ILE A 149 24.25 11.89 -5.13
C ILE A 149 24.74 10.69 -5.92
N ARG A 150 25.84 10.10 -5.47
CA ARG A 150 26.41 8.94 -6.15
C ARG A 150 25.64 7.67 -5.83
N GLU A 151 25.06 7.62 -4.63
CA GLU A 151 24.28 6.47 -4.22
C GLU A 151 22.99 6.47 -5.04
N MET A 152 22.54 7.65 -5.45
CA MET A 152 21.34 7.79 -6.25
C MET A 152 21.55 7.39 -7.71
N GLU A 153 22.75 7.66 -8.23
CA GLU A 153 23.09 7.30 -9.61
C GLU A 153 23.25 5.79 -9.66
N ARG A 154 23.72 5.24 -8.55
CA ARG A 154 23.94 3.81 -8.42
C ARG A 154 22.58 3.08 -8.42
N ILE A 155 21.62 3.63 -7.69
CA ILE A 155 20.28 3.05 -7.61
C ILE A 155 19.57 3.15 -8.95
N ARG A 156 19.57 4.36 -9.51
CA ARG A 156 18.95 4.65 -10.78
C ARG A 156 19.42 3.67 -11.86
N ARG A 157 20.73 3.57 -12.02
CA ARG A 157 21.33 2.68 -13.01
C ARG A 157 21.00 1.21 -12.72
N GLU A 158 21.07 0.84 -11.45
CA GLU A 158 20.77 -0.53 -11.03
C GLU A 158 19.36 -0.96 -11.45
N TYR A 159 18.38 -0.07 -11.30
CA TYR A 159 17.02 -0.44 -11.68
C TYR A 159 16.78 -0.58 -13.18
N VAL A 160 17.66 0.01 -13.99
CA VAL A 160 17.53 -0.12 -15.44
C VAL A 160 17.99 -1.53 -15.76
N GLU A 161 19.04 -1.97 -15.07
CA GLU A 161 19.58 -3.31 -15.23
C GLU A 161 18.52 -4.34 -14.84
N LYS A 162 17.98 -4.22 -13.61
CA LYS A 162 16.96 -5.15 -13.12
C LYS A 162 15.72 -5.10 -14.00
N GLY A 163 15.37 -3.91 -14.46
CA GLY A 163 14.20 -3.76 -15.30
C GLY A 163 14.25 -4.63 -16.55
N GLN A 164 15.40 -4.59 -17.23
CA GLN A 164 15.59 -5.35 -18.45
C GLN A 164 15.76 -6.84 -18.16
N TYR A 165 16.26 -7.16 -16.97
CA TYR A 165 16.47 -8.55 -16.59
C TYR A 165 15.13 -9.25 -16.35
N TYR A 166 14.26 -8.61 -15.57
CA TYR A 166 12.95 -9.15 -15.27
C TYR A 166 12.13 -9.15 -16.55
N LYS A 167 12.37 -8.17 -17.41
CA LYS A 167 11.67 -8.07 -18.68
C LYS A 167 11.97 -9.32 -19.51
N ALA A 168 13.23 -9.75 -19.46
CA ALA A 168 13.66 -10.94 -20.18
C ALA A 168 12.96 -12.17 -19.61
N LEU A 169 13.00 -12.30 -18.28
CA LEU A 169 12.36 -13.42 -17.61
C LEU A 169 10.90 -13.52 -18.00
N GLN A 170 10.24 -12.37 -18.00
CA GLN A 170 8.84 -12.27 -18.35
C GLN A 170 8.57 -12.99 -19.68
N GLN A 171 9.46 -12.77 -20.64
CA GLN A 171 9.35 -13.37 -21.96
C GLN A 171 9.82 -14.84 -22.01
N GLY B 1 -0.55 -16.38 -8.62
CA GLY B 1 0.78 -16.22 -7.90
C GLY B 1 1.98 -16.32 -8.84
N MET B 2 2.84 -15.30 -8.80
CA MET B 2 4.05 -15.29 -9.62
C MET B 2 5.30 -15.72 -8.87
N ILE B 3 6.06 -16.66 -9.44
CA ILE B 3 7.30 -17.11 -8.82
C ILE B 3 8.38 -16.90 -9.86
N TYR B 4 9.35 -16.06 -9.55
CA TYR B 4 10.44 -15.74 -10.48
C TYR B 4 11.82 -16.00 -9.90
N PRO B 5 12.73 -16.58 -10.72
CA PRO B 5 14.07 -16.82 -10.20
C PRO B 5 14.81 -15.51 -10.46
N TYR B 6 15.93 -15.30 -9.79
CA TYR B 6 16.71 -14.09 -10.04
C TYR B 6 18.19 -14.45 -9.94
N LYS B 7 18.92 -14.19 -11.03
CA LYS B 7 20.33 -14.48 -11.09
C LYS B 7 20.67 -15.88 -10.57
N GLY B 8 19.96 -16.88 -11.08
CA GLY B 8 20.22 -18.26 -10.71
C GLY B 8 19.68 -18.75 -9.38
N LYS B 9 19.02 -17.88 -8.64
CA LYS B 9 18.45 -18.28 -7.35
C LYS B 9 16.94 -18.25 -7.43
N THR B 10 16.31 -19.37 -7.07
CA THR B 10 14.85 -19.45 -7.12
C THR B 10 14.30 -19.65 -5.71
N PRO B 11 13.11 -19.08 -5.43
CA PRO B 11 12.47 -19.20 -4.12
C PRO B 11 12.25 -20.63 -3.66
N GLN B 12 12.57 -20.89 -2.38
CA GLN B 12 12.37 -22.21 -1.77
C GLN B 12 11.22 -22.08 -0.80
N ILE B 13 10.07 -22.62 -1.18
CA ILE B 13 8.87 -22.52 -0.37
C ILE B 13 8.39 -23.87 0.15
N ALA B 14 8.23 -23.98 1.47
CA ALA B 14 7.75 -25.23 2.05
C ALA B 14 6.41 -25.59 1.37
N ALA B 15 6.14 -26.88 1.25
CA ALA B 15 4.92 -27.35 0.60
C ALA B 15 3.67 -26.98 1.38
N SER B 16 3.82 -26.83 2.70
CA SER B 16 2.71 -26.49 3.57
C SER B 16 2.40 -24.99 3.57
N ALA B 17 3.28 -24.19 2.97
CA ALA B 17 3.10 -22.76 2.92
C ALA B 17 1.94 -22.36 2.02
N PHE B 18 1.20 -21.34 2.43
CA PHE B 18 0.09 -20.85 1.63
C PHE B 18 0.52 -19.56 0.93
N ILE B 19 0.42 -19.55 -0.39
CA ILE B 19 0.78 -18.37 -1.18
C ILE B 19 -0.50 -17.93 -1.87
N ALA B 20 -1.05 -16.79 -1.44
CA ALA B 20 -2.30 -16.29 -2.01
C ALA B 20 -2.16 -15.79 -3.45
N ASP B 21 -3.30 -15.43 -4.04
CA ASP B 21 -3.32 -14.93 -5.40
C ASP B 21 -2.72 -13.55 -5.50
N TYR B 22 -2.15 -13.24 -6.66
CA TYR B 22 -1.55 -11.94 -6.94
C TYR B 22 -0.31 -11.66 -6.11
N VAL B 23 0.25 -12.71 -5.53
CA VAL B 23 1.47 -12.59 -4.74
C VAL B 23 2.64 -12.76 -5.70
N THR B 24 3.70 -12.00 -5.48
CA THR B 24 4.89 -12.12 -6.33
C THR B 24 6.08 -12.40 -5.43
N ILE B 25 6.79 -13.49 -5.72
CA ILE B 25 7.96 -13.89 -4.95
C ILE B 25 9.07 -14.18 -5.95
N THR B 26 10.24 -13.57 -5.73
CA THR B 26 11.35 -13.79 -6.64
C THR B 26 12.71 -13.87 -5.95
N GLY B 27 13.64 -14.56 -6.60
CA GLY B 27 14.99 -14.66 -6.09
C GLY B 27 15.29 -15.47 -4.85
N ASP B 28 16.32 -15.01 -4.15
CA ASP B 28 16.82 -15.65 -2.94
C ASP B 28 15.86 -15.54 -1.76
N VAL B 29 14.83 -16.37 -1.76
CA VAL B 29 13.83 -16.35 -0.71
C VAL B 29 13.52 -17.75 -0.20
N VAL B 30 13.48 -17.88 1.12
CA VAL B 30 13.16 -19.16 1.74
C VAL B 30 11.94 -18.93 2.63
N ILE B 31 10.89 -19.70 2.42
CA ILE B 31 9.68 -19.57 3.22
C ILE B 31 9.41 -20.88 3.95
N GLY B 32 9.36 -20.80 5.27
CA GLY B 32 9.14 -21.95 6.12
C GLY B 32 7.78 -22.60 6.10
N GLU B 33 7.68 -23.67 6.88
CA GLU B 33 6.48 -24.48 7.03
C GLU B 33 5.29 -23.71 7.57
N GLU B 34 4.13 -23.94 6.95
CA GLU B 34 2.87 -23.33 7.34
C GLU B 34 2.79 -21.81 7.41
N THR B 35 3.74 -21.08 6.84
CA THR B 35 3.61 -19.63 6.91
C THR B 35 2.67 -19.24 5.79
N SER B 36 2.00 -18.11 5.95
CA SER B 36 1.04 -17.65 4.96
C SER B 36 1.33 -16.26 4.41
N ILE B 37 1.49 -16.17 3.09
CA ILE B 37 1.76 -14.91 2.42
C ILE B 37 0.45 -14.53 1.77
N TRP B 38 -0.16 -13.46 2.28
CA TRP B 38 -1.45 -13.01 1.81
C TRP B 38 -1.50 -12.13 0.56
N PHE B 39 -2.71 -12.06 0.01
CA PHE B 39 -3.03 -11.34 -1.21
C PHE B 39 -2.27 -10.06 -1.55
N ASN B 40 -1.82 -9.99 -2.81
CA ASN B 40 -1.09 -8.85 -3.35
C ASN B 40 0.24 -8.52 -2.70
N THR B 41 0.76 -9.44 -1.89
CA THR B 41 2.04 -9.18 -1.25
C THR B 41 3.17 -9.42 -2.24
N VAL B 42 4.24 -8.64 -2.08
CA VAL B 42 5.39 -8.73 -2.96
C VAL B 42 6.64 -9.04 -2.14
N ILE B 43 7.34 -10.09 -2.53
CA ILE B 43 8.57 -10.48 -1.85
C ILE B 43 9.64 -10.60 -2.94
N ARG B 44 10.40 -9.52 -3.14
CA ARG B 44 11.45 -9.48 -4.15
C ARG B 44 12.82 -9.71 -3.53
N GLY B 45 13.34 -10.92 -3.71
CA GLY B 45 14.65 -11.23 -3.16
C GLY B 45 15.73 -11.07 -4.21
N ASP B 46 15.96 -9.83 -4.64
CA ASP B 46 16.96 -9.58 -5.68
C ASP B 46 18.12 -8.69 -5.28
N VAL B 47 18.22 -8.31 -4.02
CA VAL B 47 19.32 -7.46 -3.55
C VAL B 47 20.16 -8.15 -2.48
N ALA B 48 19.49 -8.81 -1.54
CA ALA B 48 20.13 -9.53 -0.45
C ALA B 48 19.20 -10.66 -0.04
N PRO B 49 19.72 -11.70 0.61
CA PRO B 49 18.88 -12.84 1.04
C PRO B 49 17.69 -12.52 1.96
N THR B 50 16.64 -13.32 1.83
CA THR B 50 15.43 -13.17 2.63
C THR B 50 15.04 -14.54 3.18
N VAL B 51 15.04 -14.68 4.50
CA VAL B 51 14.68 -15.95 5.11
C VAL B 51 13.47 -15.75 6.01
N ILE B 52 12.41 -16.51 5.75
CA ILE B 52 11.19 -16.39 6.54
C ILE B 52 10.91 -17.71 7.26
N GLY B 53 10.84 -17.64 8.58
CA GLY B 53 10.62 -18.84 9.38
C GLY B 53 9.34 -19.61 9.16
N ASN B 54 8.96 -20.39 10.17
CA ASN B 54 7.75 -21.20 10.13
C ASN B 54 6.57 -20.52 10.82
N ARG B 55 5.36 -20.93 10.43
CA ARG B 55 4.13 -20.40 11.01
C ARG B 55 4.12 -18.88 11.06
N VAL B 56 4.69 -18.27 10.05
CA VAL B 56 4.74 -16.83 9.94
C VAL B 56 3.58 -16.40 9.06
N ASN B 57 3.06 -15.20 9.28
CA ASN B 57 2.03 -14.71 8.38
C ASN B 57 2.40 -13.30 7.95
N ILE B 58 2.40 -13.10 6.64
CA ILE B 58 2.69 -11.81 6.05
C ILE B 58 1.36 -11.41 5.43
N GLN B 59 0.68 -10.46 6.05
CA GLN B 59 -0.63 -10.05 5.58
C GLN B 59 -0.68 -9.27 4.27
N ASP B 60 -1.90 -9.18 3.72
CA ASP B 60 -2.21 -8.55 2.43
C ASP B 60 -1.52 -7.23 2.10
N ASN B 61 -1.08 -7.09 0.84
CA ASN B 61 -0.45 -5.86 0.37
C ASN B 61 0.87 -5.44 1.00
N SER B 62 1.64 -6.38 1.52
CA SER B 62 2.91 -6.00 2.12
C SER B 62 4.01 -6.06 1.06
N ILE B 63 5.12 -5.43 1.36
CA ILE B 63 6.26 -5.42 0.44
C ILE B 63 7.54 -5.69 1.24
N LEU B 64 8.25 -6.75 0.85
CA LEU B 64 9.50 -7.15 1.49
C LEU B 64 10.62 -7.02 0.46
N HIS B 65 11.70 -6.33 0.84
CA HIS B 65 12.84 -6.12 -0.06
C HIS B 65 14.10 -5.97 0.81
N GLN B 66 15.23 -5.64 0.19
CA GLN B 66 16.47 -5.45 0.94
C GLN B 66 17.37 -4.38 0.36
N SER B 67 18.43 -4.09 1.11
CA SER B 67 19.46 -3.16 0.73
C SER B 67 20.71 -4.05 0.66
N PRO B 68 21.72 -3.64 -0.10
CA PRO B 68 22.95 -4.43 -0.22
C PRO B 68 23.56 -4.95 1.08
N ASN B 69 23.83 -6.25 1.11
CA ASN B 69 24.45 -6.91 2.26
C ASN B 69 23.65 -6.89 3.56
N ASN B 70 22.36 -6.57 3.46
CA ASN B 70 21.51 -6.52 4.64
C ASN B 70 20.36 -7.51 4.44
N PRO B 71 20.56 -8.75 4.87
CA PRO B 71 19.51 -9.76 4.73
C PRO B 71 18.21 -9.39 5.45
N LEU B 72 17.10 -9.88 4.90
CA LEU B 72 15.79 -9.63 5.47
C LEU B 72 15.48 -10.90 6.25
N ILE B 73 15.43 -10.80 7.58
CA ILE B 73 15.16 -11.97 8.39
C ILE B 73 13.88 -11.87 9.20
N ILE B 74 13.04 -12.90 9.11
CA ILE B 74 11.78 -12.97 9.84
C ILE B 74 11.69 -14.36 10.45
N GLU B 75 11.92 -14.45 11.76
CA GLU B 75 11.90 -15.74 12.46
C GLU B 75 10.50 -16.31 12.65
N ASP B 76 10.43 -17.51 13.25
CA ASP B 76 9.18 -18.22 13.48
C ASP B 76 8.09 -17.47 14.26
N GLY B 77 6.85 -17.76 13.92
CA GLY B 77 5.71 -17.16 14.61
C GLY B 77 5.48 -15.68 14.47
N VAL B 78 6.25 -15.02 13.60
CA VAL B 78 6.08 -13.59 13.41
C VAL B 78 4.78 -13.27 12.67
N THR B 79 4.17 -12.16 13.06
CA THR B 79 2.94 -11.68 12.45
C THR B 79 3.23 -10.27 11.92
N VAL B 80 3.02 -10.07 10.63
CA VAL B 80 3.21 -8.76 10.04
C VAL B 80 1.90 -8.34 9.38
N GLY B 81 1.34 -7.24 9.89
CA GLY B 81 0.08 -6.73 9.41
C GLY B 81 -0.02 -6.32 7.96
N HIS B 82 -1.23 -5.97 7.55
CA HIS B 82 -1.50 -5.54 6.18
C HIS B 82 -0.66 -4.34 5.80
N GLN B 83 -0.35 -4.28 4.51
CA GLN B 83 0.37 -3.16 3.93
C GLN B 83 1.57 -2.71 4.73
N VAL B 84 2.43 -3.66 5.07
CA VAL B 84 3.62 -3.33 5.82
C VAL B 84 4.82 -3.36 4.89
N ILE B 85 5.74 -2.43 5.07
CA ILE B 85 6.96 -2.41 4.27
C ILE B 85 8.10 -2.91 5.16
N LEU B 86 8.73 -4.01 4.77
CA LEU B 86 9.87 -4.55 5.52
C LEU B 86 11.07 -4.47 4.61
N HIS B 87 12.04 -3.64 4.96
CA HIS B 87 13.24 -3.47 4.16
C HIS B 87 14.50 -3.80 4.96
N SER B 88 15.06 -4.98 4.72
CA SER B 88 16.25 -5.44 5.43
C SER B 88 16.08 -5.43 6.95
N ALA B 89 14.87 -5.68 7.41
CA ALA B 89 14.60 -5.70 8.83
C ALA B 89 14.94 -7.07 9.38
N ILE B 90 15.26 -7.12 10.67
CA ILE B 90 15.55 -8.37 11.34
C ILE B 90 14.42 -8.49 12.36
N VAL B 91 13.46 -9.38 12.10
CA VAL B 91 12.33 -9.55 13.01
C VAL B 91 12.44 -10.86 13.76
N ARG B 92 12.68 -10.76 15.06
CA ARG B 92 12.83 -11.91 15.93
C ARG B 92 11.56 -12.66 16.25
N LYS B 93 11.73 -13.90 16.69
CA LYS B 93 10.65 -14.81 17.04
C LYS B 93 9.45 -14.19 17.75
N ASN B 94 8.26 -14.53 17.25
CA ASN B 94 6.99 -14.07 17.82
C ASN B 94 6.64 -12.59 17.84
N ALA B 95 7.43 -11.75 17.19
CA ALA B 95 7.14 -10.33 17.17
C ALA B 95 5.90 -10.07 16.29
N LEU B 96 5.31 -8.88 16.45
CA LEU B 96 4.14 -8.49 15.67
C LEU B 96 4.36 -7.08 15.14
N ILE B 97 4.25 -6.92 13.81
CA ILE B 97 4.42 -5.63 13.17
C ILE B 97 3.05 -5.10 12.79
N GLY B 98 2.60 -4.04 13.45
CA GLY B 98 1.29 -3.48 13.17
C GLY B 98 1.09 -3.06 11.73
N MET B 99 -0.16 -3.17 11.27
CA MET B 99 -0.53 -2.80 9.90
C MET B 99 -0.13 -1.36 9.56
N GLY B 100 0.27 -1.15 8.30
CA GLY B 100 0.66 0.17 7.85
C GLY B 100 1.99 0.68 8.40
N SER B 101 2.84 -0.22 8.85
CA SER B 101 4.14 0.18 9.41
C SER B 101 5.27 0.03 8.40
N ILE B 102 6.35 0.77 8.66
CA ILE B 102 7.53 0.72 7.79
C ILE B 102 8.71 0.42 8.70
N ILE B 103 9.29 -0.77 8.52
CA ILE B 103 10.44 -1.20 9.31
C ILE B 103 11.66 -1.14 8.40
N LEU B 104 12.55 -0.20 8.68
CA LEU B 104 13.72 0.01 7.83
C LEU B 104 15.00 -0.81 8.06
N ASP B 105 15.91 -0.62 7.11
CA ASP B 105 17.21 -1.30 7.05
C ASP B 105 17.99 -1.50 8.35
N ARG B 106 18.32 -2.76 8.61
CA ARG B 106 19.08 -3.12 9.80
C ARG B 106 18.36 -2.92 11.13
N ALA B 107 17.12 -2.43 11.09
CA ALA B 107 16.36 -2.27 12.31
C ALA B 107 16.11 -3.69 12.79
N GLU B 108 16.10 -3.90 14.10
CA GLU B 108 15.86 -5.23 14.63
C GLU B 108 14.69 -5.18 15.63
N ILE B 109 13.72 -6.06 15.43
CA ILE B 109 12.55 -6.12 16.30
C ILE B 109 12.75 -7.30 17.23
N GLY B 110 12.94 -6.99 18.52
CA GLY B 110 13.16 -8.02 19.51
C GLY B 110 12.06 -9.07 19.63
N GLU B 111 12.44 -10.24 20.12
CA GLU B 111 11.52 -11.34 20.30
C GLU B 111 10.22 -10.89 20.98
N GLY B 112 9.09 -11.32 20.43
CA GLY B 112 7.80 -10.98 21.00
C GLY B 112 7.44 -9.50 21.09
N ALA B 113 8.21 -8.62 20.46
CA ALA B 113 7.89 -7.21 20.53
C ALA B 113 6.63 -6.95 19.71
N PHE B 114 5.98 -5.82 19.98
CA PHE B 114 4.76 -5.44 19.30
C PHE B 114 4.86 -4.02 18.78
N ILE B 115 4.85 -3.87 17.45
CA ILE B 115 4.94 -2.55 16.82
C ILE B 115 3.53 -2.03 16.48
N GLY B 116 3.15 -0.92 17.08
CA GLY B 116 1.84 -0.34 16.83
C GLY B 116 1.60 0.04 15.38
N ALA B 117 0.34 -0.06 14.95
CA ALA B 117 -0.05 0.27 13.59
C ALA B 117 0.48 1.62 13.10
N GLY B 118 0.73 1.71 11.80
CA GLY B 118 1.23 2.93 11.21
C GLY B 118 2.56 3.47 11.73
N SER B 119 3.38 2.63 12.34
CA SER B 119 4.66 3.10 12.88
C SER B 119 5.80 3.08 11.87
N LEU B 120 6.89 3.74 12.22
CA LEU B 120 8.07 3.75 11.36
C LEU B 120 9.28 3.53 12.26
N VAL B 121 9.97 2.43 12.05
CA VAL B 121 11.15 2.10 12.82
C VAL B 121 12.33 2.41 11.91
N PRO B 122 13.06 3.50 12.20
CA PRO B 122 14.22 3.95 11.42
C PRO B 122 15.37 2.94 11.36
N PRO B 123 16.25 3.09 10.35
CA PRO B 123 17.39 2.17 10.19
C PRO B 123 18.19 2.02 11.47
N GLY B 124 18.63 0.78 11.71
CA GLY B 124 19.44 0.51 12.89
C GLY B 124 18.72 0.50 14.21
N LYS B 125 17.53 1.10 14.28
CA LYS B 125 16.80 1.13 15.54
C LYS B 125 16.55 -0.26 16.12
N LYS B 126 16.74 -0.39 17.42
CA LYS B 126 16.54 -1.67 18.11
C LYS B 126 15.34 -1.61 19.06
N ILE B 127 14.42 -2.55 18.93
CA ILE B 127 13.26 -2.58 19.81
C ILE B 127 13.40 -3.75 20.77
N PRO B 128 13.42 -3.47 22.08
CA PRO B 128 13.56 -4.49 23.13
C PRO B 128 12.51 -5.58 23.04
N PRO B 129 12.90 -6.83 23.32
CA PRO B 129 11.90 -7.90 23.25
C PRO B 129 10.74 -7.65 24.20
N ASN B 130 9.58 -8.20 23.86
CA ASN B 130 8.37 -8.07 24.67
C ASN B 130 7.90 -6.65 25.05
N THR B 131 8.18 -5.67 24.21
CA THR B 131 7.74 -4.31 24.50
C THR B 131 6.84 -3.79 23.38
N LEU B 132 6.13 -2.71 23.66
CA LEU B 132 5.25 -2.08 22.70
C LEU B 132 5.93 -0.80 22.21
N ALA B 133 6.18 -0.72 20.90
CA ALA B 133 6.79 0.47 20.30
C ALA B 133 5.74 1.11 19.39
N LEU B 134 5.65 2.44 19.43
CA LEU B 134 4.64 3.17 18.66
C LEU B 134 5.19 4.46 18.06
N GLY B 135 4.55 4.92 16.98
CA GLY B 135 4.96 6.18 16.38
C GLY B 135 5.86 6.24 15.16
N ARG B 136 6.25 7.47 14.81
CA ARG B 136 7.12 7.73 13.68
C ARG B 136 8.03 8.91 13.99
N PRO B 137 9.28 8.65 14.40
CA PRO B 137 9.89 7.34 14.57
C PRO B 137 9.27 6.62 15.77
N ALA B 138 9.22 5.30 15.72
CA ALA B 138 8.64 4.53 16.80
C ALA B 138 9.44 4.62 18.10
N LYS B 139 8.73 4.62 19.22
CA LYS B 139 9.40 4.66 20.52
C LYS B 139 8.75 3.69 21.49
N VAL B 140 9.59 3.03 22.28
CA VAL B 140 9.13 2.07 23.26
C VAL B 140 8.39 2.84 24.33
N VAL B 141 7.13 2.49 24.58
CA VAL B 141 6.35 3.19 25.58
C VAL B 141 6.06 2.36 26.82
N ARG B 142 5.98 1.05 26.67
CA ARG B 142 5.72 0.18 27.80
C ARG B 142 6.09 -1.25 27.47
N GLU B 143 5.69 -2.16 28.34
CA GLU B 143 5.95 -3.58 28.17
C GLU B 143 4.61 -4.26 27.88
N LEU B 144 4.67 -5.42 27.24
CA LEU B 144 3.46 -6.16 26.91
C LEU B 144 2.91 -6.89 28.13
N THR B 145 1.59 -6.75 28.34
CA THR B 145 0.95 -7.40 29.47
C THR B 145 0.76 -8.89 29.17
N GLU B 146 0.31 -9.64 30.17
CA GLU B 146 0.13 -11.08 30.00
C GLU B 146 -0.90 -11.44 28.95
N ASP B 147 -1.99 -10.70 28.86
CA ASP B 147 -2.98 -11.04 27.86
C ASP B 147 -2.74 -10.35 26.51
N ASP B 148 -1.69 -9.52 26.46
CA ASP B 148 -1.30 -8.87 25.21
C ASP B 148 -0.60 -10.02 24.48
N ILE B 149 0.20 -10.75 25.26
CA ILE B 149 0.95 -11.89 24.76
C ILE B 149 0.00 -13.00 24.39
N ARG B 150 -1.08 -13.12 25.16
CA ARG B 150 -2.09 -14.14 24.93
C ARG B 150 -2.78 -13.85 23.59
N GLU B 151 -3.08 -12.59 23.34
CA GLU B 151 -3.73 -12.17 22.09
C GLU B 151 -2.82 -12.44 20.88
N MET B 152 -1.54 -12.13 21.05
CA MET B 152 -0.56 -12.35 19.99
C MET B 152 -0.49 -13.82 19.63
N GLU B 153 -0.59 -14.68 20.65
CA GLU B 153 -0.55 -16.13 20.45
C GLU B 153 -1.79 -16.55 19.66
N ARG B 154 -2.94 -15.97 20.02
CA ARG B 154 -4.18 -16.28 19.33
C ARG B 154 -4.08 -15.86 17.87
N ILE B 155 -3.55 -14.66 17.62
CA ILE B 155 -3.43 -14.15 16.26
C ILE B 155 -2.64 -15.07 15.33
N ARG B 156 -1.41 -15.42 15.68
CA ARG B 156 -0.64 -16.28 14.79
C ARG B 156 -1.18 -17.69 14.67
N ARG B 157 -1.96 -18.12 15.65
CA ARG B 157 -2.54 -19.46 15.62
C ARG B 157 -3.69 -19.46 14.60
N GLU B 158 -4.47 -18.39 14.55
CA GLU B 158 -5.57 -18.35 13.59
C GLU B 158 -5.05 -18.23 12.16
N TYR B 159 -3.98 -17.48 11.97
CA TYR B 159 -3.45 -17.32 10.62
C TYR B 159 -2.85 -18.60 10.06
N VAL B 160 -2.28 -19.43 10.94
CA VAL B 160 -1.73 -20.70 10.48
C VAL B 160 -2.92 -21.51 9.95
N GLU B 161 -4.03 -21.47 10.67
CA GLU B 161 -5.23 -22.21 10.29
C GLU B 161 -5.94 -21.58 9.09
N LYS B 162 -6.01 -20.25 9.08
CA LYS B 162 -6.66 -19.52 7.99
C LYS B 162 -5.92 -19.72 6.68
N GLY B 163 -4.58 -19.75 6.75
CA GLY B 163 -3.78 -19.95 5.57
C GLY B 163 -4.04 -21.33 4.98
N GLN B 164 -4.16 -22.33 5.85
CA GLN B 164 -4.42 -23.69 5.40
C GLN B 164 -5.82 -23.82 4.83
N TYR B 165 -6.75 -23.02 5.36
CA TYR B 165 -8.11 -23.05 4.88
C TYR B 165 -8.17 -22.46 3.47
N TYR B 166 -7.56 -21.30 3.29
CA TYR B 166 -7.52 -20.66 1.98
C TYR B 166 -6.70 -21.49 1.01
N LYS B 167 -5.65 -22.14 1.52
CA LYS B 167 -4.79 -22.98 0.67
C LYS B 167 -5.64 -24.07 0.01
N ALA B 168 -6.53 -24.68 0.78
CA ALA B 168 -7.39 -25.74 0.27
C ALA B 168 -8.34 -25.19 -0.80
N LEU B 169 -8.92 -24.02 -0.54
CA LEU B 169 -9.85 -23.43 -1.51
C LEU B 169 -9.10 -23.16 -2.81
N GLN B 170 -7.85 -22.73 -2.68
CA GLN B 170 -7.03 -22.41 -3.85
C GLN B 170 -6.95 -23.61 -4.79
N GLN B 171 -6.79 -24.80 -4.22
CA GLN B 171 -6.71 -26.02 -5.02
C GLN B 171 -8.10 -26.34 -5.59
N GLY C 1 -10.43 -10.70 -11.44
CA GLY C 1 -10.92 -10.64 -9.99
C GLY C 1 -11.06 -12.00 -9.27
N MET C 2 -10.80 -12.00 -7.97
CA MET C 2 -10.92 -13.22 -7.15
C MET C 2 -12.05 -13.16 -6.12
N ILE C 3 -12.88 -14.19 -6.07
CA ILE C 3 -13.95 -14.24 -5.08
C ILE C 3 -13.77 -15.54 -4.31
N TYR C 4 -13.75 -15.46 -2.99
CA TYR C 4 -13.58 -16.64 -2.17
C TYR C 4 -14.58 -16.69 -1.04
N PRO C 5 -15.05 -17.89 -0.71
CA PRO C 5 -16.01 -18.01 0.39
C PRO C 5 -15.17 -18.23 1.65
N TYR C 6 -15.82 -18.17 2.80
CA TYR C 6 -15.14 -18.41 4.05
C TYR C 6 -16.10 -18.98 5.08
N LYS C 7 -15.90 -20.25 5.42
CA LYS C 7 -16.73 -20.92 6.41
C LYS C 7 -18.22 -20.76 6.11
N GLY C 8 -18.59 -20.98 4.85
CA GLY C 8 -19.98 -20.89 4.45
C GLY C 8 -20.52 -19.51 4.13
N LYS C 9 -19.64 -18.52 4.00
CA LYS C 9 -20.06 -17.17 3.67
C LYS C 9 -19.43 -16.74 2.36
N THR C 10 -20.24 -16.14 1.49
CA THR C 10 -19.73 -15.66 0.20
C THR C 10 -20.20 -14.22 -0.02
N PRO C 11 -19.42 -13.44 -0.76
CA PRO C 11 -19.80 -12.05 -1.02
C PRO C 11 -21.11 -11.92 -1.79
N GLN C 12 -21.88 -10.88 -1.46
CA GLN C 12 -23.14 -10.57 -2.14
C GLN C 12 -22.87 -9.21 -2.79
N ILE C 13 -22.61 -9.22 -4.08
CA ILE C 13 -22.29 -8.02 -4.82
C ILE C 13 -23.38 -7.61 -5.81
N ALA C 14 -23.87 -6.37 -5.68
CA ALA C 14 -24.90 -5.88 -6.58
C ALA C 14 -24.41 -6.09 -8.01
N ALA C 15 -25.34 -6.20 -8.96
CA ALA C 15 -24.97 -6.41 -10.36
C ALA C 15 -24.40 -5.15 -11.00
N SER C 16 -24.81 -3.99 -10.51
CA SER C 16 -24.34 -2.74 -11.06
C SER C 16 -22.98 -2.32 -10.52
N ALA C 17 -22.46 -3.08 -9.54
CA ALA C 17 -21.19 -2.74 -8.95
C ALA C 17 -20.05 -3.00 -9.92
N PHE C 18 -18.99 -2.21 -9.78
CA PHE C 18 -17.81 -2.38 -10.63
C PHE C 18 -16.71 -2.99 -9.76
N ILE C 19 -16.16 -4.11 -10.21
CA ILE C 19 -15.09 -4.78 -9.48
C ILE C 19 -13.88 -4.80 -10.41
N ALA C 20 -12.96 -3.88 -10.17
CA ALA C 20 -11.73 -3.76 -10.97
C ALA C 20 -10.94 -5.05 -10.95
N ASP C 21 -9.88 -5.10 -11.75
CA ASP C 21 -9.03 -6.29 -11.83
C ASP C 21 -8.10 -6.38 -10.64
N TYR C 22 -7.59 -7.58 -10.41
CA TYR C 22 -6.66 -7.86 -9.32
C TYR C 22 -7.26 -7.54 -7.96
N VAL C 23 -8.58 -7.51 -7.89
CA VAL C 23 -9.28 -7.27 -6.64
C VAL C 23 -9.57 -8.65 -6.04
N THR C 24 -9.63 -8.71 -4.72
CA THR C 24 -9.90 -9.94 -4.01
C THR C 24 -10.98 -9.66 -2.97
N ILE C 25 -12.08 -10.38 -3.05
CA ILE C 25 -13.16 -10.21 -2.08
C ILE C 25 -13.48 -11.60 -1.58
N THR C 26 -13.54 -11.77 -0.26
CA THR C 26 -13.83 -13.09 0.29
C THR C 26 -14.73 -13.00 1.50
N GLY C 27 -15.36 -14.13 1.81
CA GLY C 27 -16.23 -14.22 2.97
C GLY C 27 -17.49 -13.39 3.07
N ASP C 28 -17.82 -13.02 4.30
CA ASP C 28 -19.02 -12.26 4.62
C ASP C 28 -18.93 -10.80 4.19
N VAL C 29 -19.12 -10.56 2.90
CA VAL C 29 -19.06 -9.21 2.34
C VAL C 29 -20.27 -8.86 1.47
N VAL C 30 -20.86 -7.69 1.74
CA VAL C 30 -22.00 -7.20 0.98
C VAL C 30 -21.63 -5.88 0.31
N ILE C 31 -21.78 -5.82 -1.01
CA ILE C 31 -21.44 -4.62 -1.76
C ILE C 31 -22.66 -4.08 -2.51
N GLY C 32 -23.04 -2.86 -2.17
CA GLY C 32 -24.21 -2.21 -2.75
C GLY C 32 -24.19 -1.82 -4.21
N GLU C 33 -25.30 -1.21 -4.62
CA GLU C 33 -25.54 -0.76 -6.00
C GLU C 33 -24.57 0.32 -6.48
N GLU C 34 -24.16 0.23 -7.74
CA GLU C 34 -23.26 1.21 -8.36
C GLU C 34 -21.96 1.51 -7.62
N THR C 35 -21.66 0.73 -6.59
CA THR C 35 -20.43 0.92 -5.84
C THR C 35 -19.27 0.41 -6.70
N SER C 36 -18.10 1.03 -6.56
CA SER C 36 -16.93 0.60 -7.33
C SER C 36 -15.74 0.27 -6.43
N ILE C 37 -15.13 -0.89 -6.71
CA ILE C 37 -13.97 -1.38 -5.97
C ILE C 37 -12.82 -1.30 -6.96
N TRP C 38 -11.87 -0.40 -6.72
CA TRP C 38 -10.78 -0.23 -7.66
C TRP C 38 -9.58 -1.16 -7.55
N PHE C 39 -8.76 -1.14 -8.59
CA PHE C 39 -7.58 -1.99 -8.75
C PHE C 39 -6.74 -2.40 -7.55
N ASN C 40 -6.49 -3.71 -7.47
CA ASN C 40 -5.66 -4.32 -6.43
C ASN C 40 -6.19 -4.17 -5.01
N THR C 41 -7.46 -3.82 -4.85
CA THR C 41 -8.03 -3.68 -3.53
C THR C 41 -8.39 -5.04 -2.91
N VAL C 42 -8.12 -5.19 -1.62
CA VAL C 42 -8.42 -6.44 -0.93
C VAL C 42 -9.47 -6.26 0.15
N ILE C 43 -10.47 -7.12 0.12
CA ILE C 43 -11.56 -7.09 1.09
C ILE C 43 -11.76 -8.52 1.62
N ARG C 44 -11.19 -8.81 2.78
CA ARG C 44 -11.31 -10.13 3.39
C ARG C 44 -12.31 -10.08 4.52
N GLY C 45 -13.46 -10.72 4.31
CA GLY C 45 -14.50 -10.74 5.34
C GLY C 45 -14.47 -12.10 6.01
N ASP C 46 -13.35 -12.40 6.66
CA ASP C 46 -13.15 -13.70 7.32
C ASP C 46 -13.00 -13.62 8.85
N VAL C 47 -13.40 -12.50 9.43
CA VAL C 47 -13.33 -12.32 10.88
C VAL C 47 -14.65 -11.78 11.41
N ALA C 48 -15.23 -10.81 10.71
CA ALA C 48 -16.50 -10.22 11.09
C ALA C 48 -17.18 -9.67 9.84
N PRO C 49 -18.49 -9.39 9.91
CA PRO C 49 -19.22 -8.86 8.76
C PRO C 49 -18.71 -7.56 8.14
N THR C 50 -18.86 -7.44 6.83
CA THR C 50 -18.47 -6.24 6.09
C THR C 50 -19.65 -5.82 5.22
N VAL C 51 -20.18 -4.61 5.46
CA VAL C 51 -21.31 -4.10 4.68
C VAL C 51 -20.94 -2.76 4.05
N ILE C 52 -21.01 -2.72 2.72
CA ILE C 52 -20.70 -1.56 1.93
C ILE C 52 -21.96 -1.16 1.17
N GLY C 53 -22.40 0.09 1.36
CA GLY C 53 -23.61 0.57 0.72
C GLY C 53 -23.58 0.86 -0.78
N ASN C 54 -24.49 1.72 -1.21
CA ASN C 54 -24.61 2.10 -2.61
C ASN C 54 -23.75 3.31 -2.98
N ARG C 55 -23.39 3.39 -4.25
CA ARG C 55 -22.59 4.49 -4.77
C ARG C 55 -21.37 4.82 -3.89
N VAL C 56 -20.72 3.78 -3.40
CA VAL C 56 -19.53 3.94 -2.58
C VAL C 56 -18.35 3.70 -3.51
N ASN C 57 -17.21 4.31 -3.22
CA ASN C 57 -16.04 4.02 -4.03
C ASN C 57 -14.85 3.72 -3.12
N ILE C 58 -14.24 2.58 -3.38
CA ILE C 58 -13.09 2.12 -2.62
C ILE C 58 -11.95 2.21 -3.61
N GLN C 59 -11.17 3.27 -3.52
CA GLN C 59 -10.08 3.47 -4.44
C GLN C 59 -8.95 2.44 -4.37
N ASP C 60 -8.12 2.44 -5.42
CA ASP C 60 -7.00 1.53 -5.63
C ASP C 60 -6.10 1.14 -4.47
N ASN C 61 -5.77 -0.15 -4.40
CA ASN C 61 -4.89 -0.68 -3.37
C ASN C 61 -5.32 -0.48 -1.93
N SER C 62 -6.60 -0.62 -1.65
CA SER C 62 -7.04 -0.48 -0.28
C SER C 62 -7.17 -1.86 0.35
N ILE C 63 -7.23 -1.88 1.69
CA ILE C 63 -7.37 -3.10 2.44
C ILE C 63 -8.50 -2.93 3.44
N LEU C 64 -9.47 -3.82 3.39
CA LEU C 64 -10.59 -3.77 4.31
C LEU C 64 -10.59 -5.10 5.07
N HIS C 65 -10.57 -5.03 6.39
CA HIS C 65 -10.57 -6.24 7.20
C HIS C 65 -11.27 -5.95 8.51
N GLN C 66 -11.29 -6.91 9.42
CA GLN C 66 -11.93 -6.72 10.72
C GLN C 66 -11.26 -7.44 11.89
N SER C 67 -11.63 -7.01 13.09
CA SER C 67 -11.16 -7.64 14.32
C SER C 67 -12.42 -8.35 14.85
N PRO C 68 -12.27 -9.37 15.69
CA PRO C 68 -13.42 -10.11 16.24
C PRO C 68 -14.59 -9.29 16.80
N ASN C 69 -15.80 -9.60 16.33
CA ASN C 69 -17.03 -8.97 16.78
C ASN C 69 -17.21 -7.50 16.41
N ASN C 70 -16.31 -6.99 15.57
CA ASN C 70 -16.36 -5.60 15.13
C ASN C 70 -16.64 -5.54 13.63
N PRO C 71 -17.90 -5.32 13.25
CA PRO C 71 -18.18 -5.27 11.82
C PRO C 71 -17.63 -4.04 11.12
N LEU C 72 -17.31 -4.20 9.84
CA LEU C 72 -16.80 -3.12 9.01
C LEU C 72 -18.01 -2.54 8.28
N ILE C 73 -18.35 -1.29 8.58
CA ILE C 73 -19.50 -0.64 7.95
C ILE C 73 -19.12 0.61 7.15
N ILE C 74 -19.54 0.64 5.89
CA ILE C 74 -19.29 1.76 4.99
C ILE C 74 -20.63 2.06 4.33
N GLU C 75 -21.30 3.13 4.80
CA GLU C 75 -22.62 3.51 4.30
C GLU C 75 -22.63 4.15 2.91
N ASP C 76 -23.83 4.48 2.42
CA ASP C 76 -23.98 5.07 1.09
C ASP C 76 -23.17 6.32 0.82
N GLY C 77 -22.75 6.47 -0.43
CA GLY C 77 -21.99 7.63 -0.88
C GLY C 77 -20.59 7.87 -0.35
N VAL C 78 -20.02 6.92 0.37
CA VAL C 78 -18.68 7.11 0.92
C VAL C 78 -17.58 7.02 -0.12
N THR C 79 -16.54 7.84 0.10
CA THR C 79 -15.37 7.87 -0.77
C THR C 79 -14.16 7.48 0.08
N VAL C 80 -13.39 6.50 -0.37
CA VAL C 80 -12.18 6.08 0.34
C VAL C 80 -11.07 6.11 -0.69
N GLY C 81 -10.11 6.99 -0.45
CA GLY C 81 -8.99 7.16 -1.36
C GLY C 81 -8.04 5.99 -1.53
N HIS C 82 -7.05 6.19 -2.38
CA HIS C 82 -6.04 5.18 -2.68
C HIS C 82 -5.29 4.72 -1.44
N GLN C 83 -5.00 3.42 -1.41
CA GLN C 83 -4.21 2.86 -0.32
C GLN C 83 -4.70 3.15 1.08
N VAL C 84 -5.98 2.93 1.34
CA VAL C 84 -6.47 3.18 2.68
C VAL C 84 -6.65 1.84 3.40
N ILE C 85 -6.46 1.84 4.71
CA ILE C 85 -6.66 0.63 5.49
C ILE C 85 -7.90 0.87 6.35
N LEU C 86 -8.93 0.06 6.15
CA LEU C 86 -10.14 0.17 6.95
C LEU C 86 -10.19 -1.11 7.77
N HIS C 87 -10.09 -0.96 9.08
CA HIS C 87 -10.10 -2.13 9.94
C HIS C 87 -11.22 -2.03 10.98
N SER C 88 -12.35 -2.66 10.68
CA SER C 88 -13.51 -2.64 11.58
C SER C 88 -13.95 -1.21 11.87
N ALA C 89 -13.85 -0.35 10.87
CA ALA C 89 -14.25 1.02 11.05
C ALA C 89 -15.72 1.19 10.70
N ILE C 90 -16.33 2.23 11.24
CA ILE C 90 -17.73 2.55 10.96
C ILE C 90 -17.71 3.86 10.19
N VAL C 91 -17.90 3.82 8.89
CA VAL C 91 -17.88 5.06 8.10
C VAL C 91 -19.29 5.46 7.65
N ARG C 92 -19.83 6.45 8.35
CA ARG C 92 -21.16 6.97 8.09
C ARG C 92 -21.35 7.59 6.71
N LYS C 93 -22.61 7.66 6.27
CA LYS C 93 -22.97 8.19 4.96
C LYS C 93 -22.24 9.44 4.49
N ASN C 94 -21.78 9.41 3.25
CA ASN C 94 -21.09 10.53 2.58
C ASN C 94 -19.73 10.99 3.07
N ALA C 95 -19.10 10.25 3.96
CA ALA C 95 -17.78 10.65 4.45
C ALA C 95 -16.73 10.42 3.36
N LEU C 96 -15.56 11.01 3.53
CA LEU C 96 -14.48 10.83 2.58
C LEU C 96 -13.23 10.53 3.38
N ILE C 97 -12.56 9.43 3.03
CA ILE C 97 -11.34 9.03 3.71
C ILE C 97 -10.15 9.36 2.82
N GLY C 98 -9.30 10.28 3.28
CA GLY C 98 -8.14 10.67 2.50
C GLY C 98 -7.21 9.51 2.17
N MET C 99 -6.62 9.56 0.99
CA MET C 99 -5.70 8.51 0.54
C MET C 99 -4.54 8.36 1.53
N GLY C 100 -4.08 7.12 1.68
CA GLY C 100 -2.98 6.83 2.58
C GLY C 100 -3.34 6.87 4.05
N SER C 101 -4.63 6.85 4.35
CA SER C 101 -5.07 6.89 5.74
C SER C 101 -5.34 5.51 6.31
N ILE C 102 -5.25 5.41 7.63
CA ILE C 102 -5.52 4.18 8.35
C ILE C 102 -6.62 4.47 9.37
N ILE C 103 -7.76 3.79 9.20
CA ILE C 103 -8.90 3.97 10.10
C ILE C 103 -9.03 2.70 10.93
N LEU C 104 -8.69 2.78 12.20
CA LEU C 104 -8.72 1.61 13.07
C LEU C 104 -10.04 1.18 13.71
N ASP C 105 -9.96 0.05 14.40
CA ASP C 105 -11.07 -0.63 15.04
C ASP C 105 -12.08 0.14 15.88
N ARG C 106 -13.33 0.07 15.42
CA ARG C 106 -14.46 0.72 16.08
C ARG C 106 -14.44 2.24 15.99
N ALA C 107 -13.48 2.80 15.26
CA ALA C 107 -13.42 4.24 15.09
C ALA C 107 -14.65 4.55 14.28
N GLU C 108 -15.32 5.65 14.57
CA GLU C 108 -16.53 6.00 13.83
C GLU C 108 -16.33 7.33 13.13
N ILE C 109 -16.47 7.33 11.81
CA ILE C 109 -16.31 8.57 11.05
C ILE C 109 -17.67 9.15 10.77
N GLY C 110 -17.94 10.29 11.40
CA GLY C 110 -19.21 10.98 11.25
C GLY C 110 -19.68 11.19 9.81
N GLU C 111 -20.99 11.32 9.67
CA GLU C 111 -21.60 11.53 8.37
C GLU C 111 -21.02 12.78 7.69
N GLY C 112 -20.68 12.63 6.41
CA GLY C 112 -20.13 13.75 5.66
C GLY C 112 -18.77 14.26 6.10
N ALA C 113 -18.14 13.58 7.06
CA ALA C 113 -16.84 14.01 7.54
C ALA C 113 -15.76 13.81 6.47
N PHE C 114 -14.65 14.51 6.63
CA PHE C 114 -13.54 14.45 5.69
C PHE C 114 -12.25 14.15 6.44
N ILE C 115 -11.63 13.01 6.12
CA ILE C 115 -10.38 12.62 6.76
C ILE C 115 -9.23 12.94 5.82
N GLY C 116 -8.34 13.83 6.26
CA GLY C 116 -7.21 14.22 5.44
C GLY C 116 -6.30 13.07 5.05
N ALA C 117 -5.62 13.25 3.92
CA ALA C 117 -4.69 12.27 3.38
C ALA C 117 -3.60 11.90 4.38
N GLY C 118 -3.22 10.63 4.40
CA GLY C 118 -2.18 10.16 5.30
C GLY C 118 -2.48 10.14 6.79
N SER C 119 -3.75 10.27 7.17
CA SER C 119 -4.11 10.28 8.59
C SER C 119 -4.31 8.92 9.23
N LEU C 120 -4.24 8.88 10.57
CA LEU C 120 -4.45 7.65 11.32
C LEU C 120 -5.49 7.94 12.40
N VAL C 121 -6.66 7.32 12.28
CA VAL C 121 -7.74 7.48 13.24
C VAL C 121 -7.69 6.27 14.15
N PRO C 122 -7.25 6.47 15.41
CA PRO C 122 -7.12 5.42 16.41
C PRO C 122 -8.42 4.71 16.82
N PRO C 123 -8.28 3.49 17.38
CA PRO C 123 -9.39 2.63 17.84
C PRO C 123 -10.44 3.39 18.64
N GLY C 124 -11.71 3.16 18.32
CA GLY C 124 -12.79 3.80 19.04
C GLY C 124 -12.95 5.31 18.91
N LYS C 125 -12.06 5.98 18.20
CA LYS C 125 -12.19 7.43 18.05
C LYS C 125 -13.42 7.80 17.21
N LYS C 126 -14.17 8.79 17.67
CA LYS C 126 -15.36 9.22 16.92
C LYS C 126 -15.12 10.59 16.29
N ILE C 127 -15.26 10.66 14.97
CA ILE C 127 -15.08 11.93 14.27
C ILE C 127 -16.48 12.49 14.01
N PRO C 128 -16.78 13.67 14.57
CA PRO C 128 -18.08 14.32 14.41
C PRO C 128 -18.49 14.53 12.96
N PRO C 129 -19.80 14.40 12.67
CA PRO C 129 -20.26 14.58 11.28
C PRO C 129 -19.84 15.92 10.71
N ASN C 130 -19.68 15.93 9.39
CA ASN C 130 -19.27 17.11 8.64
C ASN C 130 -18.17 17.98 9.23
N THR C 131 -17.04 17.36 9.54
CA THR C 131 -15.87 18.08 10.05
C THR C 131 -14.67 17.60 9.25
N LEU C 132 -13.55 18.29 9.39
CA LEU C 132 -12.31 17.92 8.72
C LEU C 132 -11.35 17.48 9.81
N ALA C 133 -10.84 16.26 9.69
CA ALA C 133 -9.89 15.74 10.67
C ALA C 133 -8.69 15.20 9.93
N LEU C 134 -7.51 15.38 10.53
CA LEU C 134 -6.28 14.92 9.90
C LEU C 134 -5.17 14.77 10.94
N GLY C 135 -4.09 14.10 10.56
CA GLY C 135 -2.99 13.91 11.48
C GLY C 135 -2.89 12.49 12.01
N ARG C 136 -1.87 12.24 12.82
CA ARG C 136 -1.63 10.92 13.39
C ARG C 136 -1.24 11.10 14.86
N PRO C 137 -2.20 10.92 15.78
CA PRO C 137 -3.61 10.56 15.52
C PRO C 137 -4.40 11.74 14.98
N ALA C 138 -5.41 11.45 14.17
CA ALA C 138 -6.26 12.48 13.57
C ALA C 138 -7.07 13.28 14.57
N LYS C 139 -7.10 14.59 14.38
CA LYS C 139 -7.84 15.49 15.24
C LYS C 139 -8.68 16.41 14.34
N VAL C 140 -9.87 16.78 14.82
CA VAL C 140 -10.74 17.68 14.08
C VAL C 140 -10.06 19.04 14.06
N VAL C 141 -9.82 19.60 12.87
CA VAL C 141 -9.16 20.90 12.78
C VAL C 141 -10.14 22.03 12.46
N ARG C 142 -11.34 21.68 12.01
CA ARG C 142 -12.38 22.65 11.70
C ARG C 142 -13.56 21.91 11.11
N GLU C 143 -14.70 22.58 11.02
CA GLU C 143 -15.85 21.91 10.43
C GLU C 143 -15.88 22.29 8.95
N LEU C 144 -16.52 21.46 8.13
CA LEU C 144 -16.55 21.68 6.69
C LEU C 144 -17.37 22.88 6.20
N THR C 145 -16.95 23.42 5.05
CA THR C 145 -17.63 24.55 4.44
C THR C 145 -18.51 24.02 3.31
N GLU C 146 -19.41 24.86 2.80
CA GLU C 146 -20.29 24.42 1.70
C GLU C 146 -19.51 24.12 0.43
N ASP C 147 -18.31 24.68 0.32
CA ASP C 147 -17.47 24.43 -0.84
C ASP C 147 -16.82 23.05 -0.73
N ASP C 148 -16.56 22.62 0.50
CA ASP C 148 -15.97 21.31 0.73
C ASP C 148 -17.00 20.24 0.42
N ILE C 149 -18.24 20.48 0.86
CA ILE C 149 -19.36 19.57 0.66
C ILE C 149 -19.70 19.41 -0.83
N ARG C 150 -19.57 20.49 -1.59
CA ARG C 150 -19.84 20.48 -3.01
C ARG C 150 -18.85 19.56 -3.73
N GLU C 151 -17.57 19.70 -3.40
CA GLU C 151 -16.50 18.90 -4.01
C GLU C 151 -16.60 17.42 -3.63
N MET C 152 -17.01 17.14 -2.39
CA MET C 152 -17.16 15.77 -1.92
C MET C 152 -18.27 15.11 -2.73
N GLU C 153 -19.30 15.89 -3.01
CA GLU C 153 -20.45 15.45 -3.80
C GLU C 153 -20.00 15.22 -5.24
N ARG C 154 -19.12 16.09 -5.74
CA ARG C 154 -18.65 15.95 -7.11
C ARG C 154 -17.77 14.71 -7.26
N ILE C 155 -16.96 14.43 -6.24
CA ILE C 155 -16.08 13.27 -6.28
C ILE C 155 -16.83 11.95 -6.32
N ARG C 156 -17.83 11.77 -5.46
CA ARG C 156 -18.54 10.52 -5.47
C ARG C 156 -19.41 10.32 -6.71
N ARG C 157 -19.87 11.41 -7.31
CA ARG C 157 -20.67 11.29 -8.53
C ARG C 157 -19.73 10.86 -9.64
N GLU C 158 -18.58 11.55 -9.73
CA GLU C 158 -17.57 11.25 -10.72
C GLU C 158 -17.24 9.74 -10.73
N TYR C 159 -16.94 9.20 -9.54
CA TYR C 159 -16.61 7.80 -9.42
C TYR C 159 -17.71 6.81 -9.80
N VAL C 160 -18.98 7.18 -9.59
CA VAL C 160 -20.07 6.30 -10.00
C VAL C 160 -19.93 6.14 -11.51
N GLU C 161 -19.75 7.26 -12.20
CA GLU C 161 -19.59 7.27 -13.66
C GLU C 161 -18.36 6.50 -14.13
N LYS C 162 -17.20 6.78 -13.53
CA LYS C 162 -15.96 6.10 -13.91
C LYS C 162 -16.09 4.59 -13.71
N GLY C 163 -16.81 4.20 -12.66
CA GLY C 163 -16.99 2.79 -12.39
C GLY C 163 -17.80 2.12 -13.48
N GLN C 164 -18.85 2.82 -13.93
CA GLN C 164 -19.70 2.30 -15.00
C GLN C 164 -18.94 2.22 -16.31
N TYR C 165 -18.10 3.21 -16.56
CA TYR C 165 -17.29 3.29 -17.77
C TYR C 165 -16.27 2.14 -17.81
N TYR C 166 -15.51 1.98 -16.73
CA TYR C 166 -14.52 0.91 -16.66
C TYR C 166 -15.21 -0.44 -16.71
N LYS C 167 -16.37 -0.55 -16.06
CA LYS C 167 -17.12 -1.79 -16.05
C LYS C 167 -17.39 -2.18 -17.50
N ALA C 168 -17.80 -1.20 -18.31
CA ALA C 168 -18.07 -1.44 -19.72
C ALA C 168 -16.81 -1.94 -20.40
N LEU C 169 -15.71 -1.19 -20.28
CA LEU C 169 -14.45 -1.57 -20.88
C LEU C 169 -14.09 -3.03 -20.58
N GLN C 170 -14.45 -3.51 -19.40
CA GLN C 170 -14.14 -4.89 -19.02
C GLN C 170 -14.63 -5.96 -19.99
N GLN C 171 -15.32 -5.56 -21.05
CA GLN C 171 -15.82 -6.53 -22.03
C GLN C 171 -14.66 -7.38 -22.58
C ACY D . 20.93 9.41 2.30
O ACY D . 20.63 10.48 1.79
OXT ACY D . 20.68 9.19 3.60
CH3 ACY D . 21.58 8.32 1.48
MG MG E . -7.17 10.27 -6.99
C ACY F . -1.73 -3.86 22.70
O ACY F . -2.46 -4.61 22.08
OXT ACY F . -2.25 -3.01 23.58
CH3 ACY F . -0.24 -3.88 22.48
MG MG G . 13.95 -1.34 -1.94
C ACY H . -10.91 20.34 1.49
O ACY H . -10.98 19.61 2.46
OXT ACY H . -10.43 21.59 1.63
CH3 ACY H . -11.36 19.86 0.13
MG MG I . -6.55 -7.67 10.06
#